data_3GIA
#
_entry.id   3GIA
#
_cell.length_a   113.482
_cell.length_b   99.499
_cell.length_c   72.693
_cell.angle_alpha   90.00
_cell.angle_beta   117.71
_cell.angle_gamma   90.00
#
_symmetry.space_group_name_H-M   'C 1 2 1'
#
loop_
_entity.id
_entity.type
_entity.pdbx_description
1 polymer 'Uncharacterized protein MJ0609'
2 non-polymer DECANE
3 non-polymer BICINE
4 water water
#
_entity_poly.entity_id   1
_entity_poly.type   'polypeptide(L)'
_entity_poly.pdbx_seq_one_letter_code
;MELKNKKLSLWEAVSMAVGVMIGASIFSIFGVGAKIAGRNLPETFILSGIYALLVAYSYTKLGAKIVSNAGPIAFIHKAI
GDNIITGALSILLWMSYVISIALFAKGFAGYFLPLINAPINTFNIAITEIGIVAFFTALNFFGSKAVGRAEFFIVLVKLL
ILGLFIFAGLITIHPSYVIPDLAPSAVSGMIFASAIFFLSYMGFGVITNASEHIENPKKNVPRAIFISILIVMFVYVGVA
ISAIGNLPIDELIKASENALAVAAKPFLGNLGFLLISIGALFSISSAMNATIYGGANVAYSLAKDGELPEFFERKVWFKS
TEGLYITSALGVLFALLFNMEGVASITSAVFMVIYLFVILSHYILIDEVGGRKEIVIFSFIVVLGVFLLLLYYQWITNRF
VFYGIIATFIGVLIFEIIYRKVTKRTFSNNMYVKSLESSGLVPR
;
_entity_poly.pdbx_strand_id   A
#
# COMPACT_ATOMS: atom_id res chain seq x y z
N LEU A 3 -25.87 19.58 -6.96
CA LEU A 3 -24.38 19.53 -6.75
C LEU A 3 -23.98 18.12 -6.34
N LYS A 4 -22.97 17.60 -7.02
CA LYS A 4 -22.52 16.23 -6.75
C LYS A 4 -21.04 16.05 -7.01
N ASN A 5 -20.44 15.11 -6.27
CA ASN A 5 -19.07 14.68 -6.49
C ASN A 5 -18.92 13.90 -7.79
N LYS A 6 -17.74 13.99 -8.40
CA LYS A 6 -17.34 13.10 -9.47
C LYS A 6 -17.15 11.69 -8.91
N LYS A 7 -18.00 10.77 -9.35
CA LYS A 7 -18.01 9.43 -8.79
C LYS A 7 -17.27 8.41 -9.65
N LEU A 8 -16.68 7.41 -8.99
CA LEU A 8 -16.01 6.31 -9.66
C LEU A 8 -16.95 5.11 -9.76
N SER A 9 -16.92 4.45 -10.91
CA SER A 9 -17.63 3.17 -11.05
C SER A 9 -16.86 2.08 -10.31
N LEU A 10 -17.46 0.88 -10.26
CA LEU A 10 -16.81 -0.29 -9.64
C LEU A 10 -15.42 -0.54 -10.22
N TRP A 11 -15.32 -0.53 -11.54
CA TRP A 11 -14.09 -0.93 -12.22
C TRP A 11 -12.99 0.10 -12.10
N GLU A 12 -13.37 1.36 -12.10
CA GLU A 12 -12.47 2.46 -11.78
C GLU A 12 -11.91 2.34 -10.36
N ALA A 13 -12.76 1.95 -9.41
CA ALA A 13 -12.32 1.76 -8.01
C ALA A 13 -11.37 0.55 -7.90
N VAL A 14 -11.73 -0.54 -8.60
CA VAL A 14 -10.89 -1.73 -8.69
C VAL A 14 -9.52 -1.36 -9.26
N SER A 15 -9.52 -0.67 -10.39
CA SER A 15 -8.30 -0.25 -11.09
C SER A 15 -7.38 0.58 -10.20
N MET A 16 -7.99 1.50 -9.46
CA MET A 16 -7.29 2.37 -8.51
C MET A 16 -6.54 1.57 -7.44
N ALA A 17 -7.21 0.59 -6.86
CA ALA A 17 -6.60 -0.22 -5.81
C ALA A 17 -5.54 -1.17 -6.41
N VAL A 18 -5.86 -1.73 -7.57
CA VAL A 18 -4.94 -2.63 -8.27
C VAL A 18 -3.67 -1.87 -8.62
N GLY A 19 -3.83 -0.65 -9.15
CA GLY A 19 -2.69 0.17 -9.53
C GLY A 19 -1.75 0.45 -8.38
N VAL A 20 -2.30 0.87 -7.25
CA VAL A 20 -1.51 1.17 -6.05
C VAL A 20 -0.80 -0.10 -5.54
N MET A 21 -1.52 -1.21 -5.52
CA MET A 21 -1.00 -2.47 -4.99
C MET A 21 0.15 -3.01 -5.82
N ILE A 22 -0.02 -3.02 -7.14
CA ILE A 22 1.04 -3.42 -8.07
C ILE A 22 2.28 -2.50 -8.00
N GLY A 23 2.08 -1.19 -7.97
CA GLY A 23 3.19 -0.24 -7.81
C GLY A 23 4.07 -0.54 -6.61
N ALA A 24 3.44 -0.91 -5.49
CA ALA A 24 4.16 -1.27 -4.27
C ALA A 24 4.80 -2.67 -4.34
N SER A 25 4.05 -3.67 -4.75
CA SER A 25 4.51 -5.06 -4.65
C SER A 25 5.40 -5.51 -5.79
N ILE A 26 4.99 -5.22 -7.02
CA ILE A 26 5.73 -5.68 -8.17
C ILE A 26 6.97 -4.83 -8.38
N PHE A 27 6.82 -3.51 -8.29
CA PHE A 27 7.88 -2.60 -8.70
C PHE A 27 8.65 -1.91 -7.58
N SER A 28 8.22 -2.11 -6.34
CA SER A 28 8.91 -1.50 -5.21
C SER A 28 9.60 -2.53 -4.30
N ILE A 29 8.83 -3.48 -3.77
CA ILE A 29 9.37 -4.40 -2.76
C ILE A 29 9.66 -5.83 -3.23
N PHE A 30 9.47 -6.10 -4.52
CA PHE A 30 9.70 -7.43 -5.06
C PHE A 30 11.09 -7.98 -4.74
N GLY A 31 12.10 -7.10 -4.80
CA GLY A 31 13.49 -7.49 -4.54
C GLY A 31 13.72 -7.98 -3.13
N VAL A 32 13.20 -7.22 -2.16
CA VAL A 32 13.20 -7.59 -0.74
C VAL A 32 12.64 -9.01 -0.53
N GLY A 33 11.58 -9.34 -1.27
CA GLY A 33 10.94 -10.65 -1.19
C GLY A 33 11.82 -11.76 -1.74
N ALA A 34 12.47 -11.50 -2.87
CA ALA A 34 13.47 -12.42 -3.40
C ALA A 34 14.59 -12.68 -2.38
N LYS A 35 15.03 -11.63 -1.70
CA LYS A 35 16.04 -11.73 -0.65
C LYS A 35 15.60 -12.62 0.53
N ILE A 36 14.44 -12.32 1.12
CA ILE A 36 13.96 -13.02 2.31
C ILE A 36 13.34 -14.39 2.03
N ALA A 37 12.47 -14.46 1.03
CA ALA A 37 11.73 -15.70 0.73
C ALA A 37 12.31 -16.56 -0.38
N GLY A 38 13.21 -15.99 -1.19
CA GLY A 38 13.83 -16.71 -2.30
C GLY A 38 12.82 -17.34 -3.25
N ARG A 39 12.95 -18.65 -3.46
CA ARG A 39 12.06 -19.40 -4.35
C ARG A 39 10.66 -19.61 -3.77
N ASN A 40 10.51 -19.35 -2.48
CA ASN A 40 9.22 -19.47 -1.81
C ASN A 40 8.34 -18.21 -1.89
N LEU A 41 8.84 -17.20 -2.61
CA LEU A 41 8.15 -15.92 -2.80
C LEU A 41 6.71 -16.07 -3.33
N PRO A 42 6.47 -16.93 -4.34
CA PRO A 42 5.08 -17.12 -4.77
C PRO A 42 4.14 -17.51 -3.61
N GLU A 43 4.63 -18.36 -2.70
CA GLU A 43 3.84 -18.82 -1.56
C GLU A 43 3.69 -17.71 -0.51
N THR A 44 4.69 -16.83 -0.43
CA THR A 44 4.64 -15.62 0.40
C THR A 44 3.47 -14.69 -0.01
N PHE A 45 3.36 -14.39 -1.31
CA PHE A 45 2.23 -13.61 -1.83
C PHE A 45 0.85 -14.19 -1.52
N ILE A 46 0.72 -15.51 -1.64
CA ILE A 46 -0.51 -16.21 -1.32
C ILE A 46 -0.84 -16.04 0.17
N LEU A 47 0.16 -16.28 1.02
CA LEU A 47 0.02 -16.19 2.47
C LEU A 47 -0.37 -14.77 2.90
N SER A 48 0.31 -13.77 2.35
CA SER A 48 -0.03 -12.37 2.58
C SER A 48 -1.45 -12.05 2.10
N GLY A 49 -1.86 -12.69 1.02
CA GLY A 49 -3.20 -12.57 0.48
C GLY A 49 -4.25 -13.16 1.39
N ILE A 50 -3.88 -14.17 2.17
CA ILE A 50 -4.79 -14.78 3.14
C ILE A 50 -5.05 -13.78 4.27
N TYR A 51 -3.98 -13.16 4.77
CA TYR A 51 -4.08 -12.08 5.75
C TYR A 51 -4.97 -10.96 5.23
N ALA A 52 -4.81 -10.61 3.96
CA ALA A 52 -5.55 -9.52 3.34
C ALA A 52 -7.04 -9.85 3.27
N LEU A 53 -7.36 -11.09 2.93
CA LEU A 53 -8.75 -11.56 2.87
C LEU A 53 -9.41 -11.61 4.25
N LEU A 54 -8.65 -11.97 5.28
CA LEU A 54 -9.13 -11.96 6.65
C LEU A 54 -9.52 -10.52 7.08
N VAL A 55 -8.66 -9.57 6.75
CA VAL A 55 -8.93 -8.14 6.99
C VAL A 55 -10.11 -7.69 6.14
N ALA A 56 -10.15 -8.13 4.88
CA ALA A 56 -11.24 -7.79 3.96
C ALA A 56 -12.61 -8.21 4.47
N TYR A 57 -12.68 -9.32 5.21
CA TYR A 57 -13.91 -9.77 5.85
C TYR A 57 -14.52 -8.65 6.71
N SER A 58 -13.68 -7.97 7.48
CA SER A 58 -14.13 -6.84 8.30
C SER A 58 -14.44 -5.57 7.50
N TYR A 59 -13.54 -5.19 6.57
CA TYR A 59 -13.76 -4.00 5.75
C TYR A 59 -15.04 -4.09 4.94
N THR A 60 -15.31 -5.27 4.38
CA THR A 60 -16.48 -5.47 3.53
C THR A 60 -17.80 -5.45 4.33
N LYS A 61 -17.77 -5.96 5.55
CA LYS A 61 -18.96 -5.94 6.41
C LYS A 61 -19.24 -4.52 6.92
N LEU A 62 -18.20 -3.81 7.34
CA LEU A 62 -18.33 -2.44 7.83
C LEU A 62 -18.71 -1.46 6.72
N GLY A 63 -18.05 -1.59 5.56
CA GLY A 63 -18.27 -0.71 4.41
C GLY A 63 -19.59 -0.89 3.67
N ALA A 64 -20.27 -2.01 3.92
CA ALA A 64 -21.62 -2.23 3.38
C ALA A 64 -22.67 -1.51 4.22
N LYS A 65 -22.28 -1.05 5.41
CA LYS A 65 -23.20 -0.35 6.30
C LYS A 65 -22.82 1.12 6.49
N ILE A 66 -21.52 1.40 6.56
CA ILE A 66 -21.00 2.73 6.88
C ILE A 66 -20.25 3.30 5.68
N VAL A 67 -20.66 4.50 5.25
CA VAL A 67 -20.06 5.15 4.09
C VAL A 67 -19.46 6.48 4.52
N SER A 68 -18.18 6.66 4.24
CA SER A 68 -17.48 7.85 4.67
C SER A 68 -16.09 7.90 4.07
N ASN A 69 -15.74 9.07 3.56
CA ASN A 69 -14.38 9.33 3.10
C ASN A 69 -13.34 9.30 4.23
N ALA A 70 -13.81 9.23 5.47
CA ALA A 70 -12.94 9.09 6.63
C ALA A 70 -12.42 7.65 6.70
N GLY A 71 -13.06 6.77 5.94
CA GLY A 71 -12.64 5.39 5.79
C GLY A 71 -12.69 4.62 7.09
N PRO A 72 -11.55 4.01 7.49
CA PRO A 72 -11.50 3.19 8.71
C PRO A 72 -11.78 4.01 9.95
N ILE A 73 -11.50 5.31 9.89
CA ILE A 73 -11.72 6.22 11.03
C ILE A 73 -13.22 6.36 11.34
N ALA A 74 -14.07 6.27 10.32
CA ALA A 74 -15.52 6.23 10.55
C ALA A 74 -15.94 4.94 11.26
N PHE A 75 -15.38 3.80 10.85
CA PHE A 75 -15.70 2.53 11.52
C PHE A 75 -15.24 2.60 12.98
N ILE A 76 -14.03 3.13 13.19
CA ILE A 76 -13.44 3.17 14.52
C ILE A 76 -14.22 4.12 15.44
N HIS A 77 -14.59 5.29 14.93
CA HIS A 77 -15.35 6.25 15.72
C HIS A 77 -16.72 5.69 16.11
N LYS A 78 -17.37 5.01 15.16
CA LYS A 78 -18.67 4.39 15.39
C LYS A 78 -18.60 3.32 16.49
N ALA A 79 -17.44 2.68 16.65
CA ALA A 79 -17.27 1.62 17.65
C ALA A 79 -16.83 2.12 19.03
N ILE A 80 -15.87 3.03 19.07
CA ILE A 80 -15.28 3.48 20.34
C ILE A 80 -15.49 4.97 20.63
N GLY A 81 -16.20 5.67 19.74
CA GLY A 81 -16.47 7.10 19.92
C GLY A 81 -15.25 7.93 19.66
N ASP A 82 -15.30 9.20 20.08
CA ASP A 82 -14.17 10.11 19.90
C ASP A 82 -13.31 10.15 21.15
N ASN A 83 -12.00 10.10 20.94
CA ASN A 83 -11.01 10.10 22.00
C ASN A 83 -9.62 10.09 21.36
N ILE A 84 -8.59 9.99 22.19
CA ILE A 84 -7.21 10.08 21.70
C ILE A 84 -6.81 8.89 20.82
N ILE A 85 -7.45 7.74 21.02
CA ILE A 85 -7.16 6.56 20.21
C ILE A 85 -7.66 6.81 18.78
N THR A 86 -8.96 7.10 18.66
CA THR A 86 -9.56 7.49 17.38
C THR A 86 -8.74 8.60 16.71
N GLY A 87 -8.40 9.64 17.48
CA GLY A 87 -7.57 10.74 16.95
C GLY A 87 -6.20 10.31 16.42
N ALA A 88 -5.47 9.51 17.22
CA ALA A 88 -4.14 9.01 16.84
C ALA A 88 -4.20 8.09 15.65
N LEU A 89 -5.30 7.36 15.51
CA LEU A 89 -5.48 6.47 14.36
C LEU A 89 -5.71 7.25 13.07
N SER A 90 -6.38 8.40 13.16
CA SER A 90 -6.56 9.26 12.01
C SER A 90 -5.20 9.78 11.53
N ILE A 91 -4.35 10.18 12.47
CA ILE A 91 -2.96 10.59 12.19
C ILE A 91 -2.15 9.41 11.63
N LEU A 92 -2.35 8.23 12.19
CA LEU A 92 -1.67 7.03 11.74
C LEU A 92 -2.06 6.65 10.31
N LEU A 93 -3.34 6.79 9.97
CA LEU A 93 -3.80 6.56 8.61
C LEU A 93 -3.16 7.53 7.61
N TRP A 94 -3.04 8.80 8.00
CA TRP A 94 -2.27 9.77 7.21
C TRP A 94 -0.81 9.31 7.05
N MET A 95 -0.15 9.02 8.17
CA MET A 95 1.22 8.45 8.17
C MET A 95 1.40 7.23 7.25
N SER A 96 0.42 6.34 7.22
CA SER A 96 0.48 5.18 6.32
C SER A 96 0.62 5.61 4.85
N TYR A 97 -0.02 6.72 4.46
CA TYR A 97 0.16 7.30 3.13
C TYR A 97 1.50 7.98 2.97
N VAL A 98 1.99 8.62 4.04
CA VAL A 98 3.30 9.28 4.04
C VAL A 98 4.46 8.32 3.79
N ILE A 99 4.44 7.18 4.47
CA ILE A 99 5.54 6.21 4.37
C ILE A 99 5.45 5.44 3.05
N SER A 100 4.22 5.28 2.54
CA SER A 100 3.98 4.71 1.21
C SER A 100 4.59 5.57 0.11
N ILE A 101 4.54 6.88 0.28
CA ILE A 101 5.15 7.83 -0.66
C ILE A 101 6.67 7.63 -0.70
N ALA A 102 7.28 7.42 0.46
CA ALA A 102 8.70 7.07 0.54
C ALA A 102 9.01 5.76 -0.19
N LEU A 103 8.13 4.77 -0.02
CA LEU A 103 8.28 3.46 -0.66
C LEU A 103 8.27 3.60 -2.20
N PHE A 104 7.30 4.36 -2.71
CA PHE A 104 7.17 4.60 -4.14
C PHE A 104 8.34 5.40 -4.72
N ALA A 105 8.76 6.44 -4.01
CA ALA A 105 9.93 7.22 -4.43
C ALA A 105 11.16 6.33 -4.59
N LYS A 106 11.43 5.50 -3.55
CA LYS A 106 12.53 4.53 -3.56
C LYS A 106 12.43 3.55 -4.71
N GLY A 107 11.24 3.00 -4.92
CA GLY A 107 10.99 2.07 -6.01
C GLY A 107 11.21 2.70 -7.37
N PHE A 108 10.80 3.96 -7.52
CA PHE A 108 11.03 4.72 -8.76
C PHE A 108 12.53 4.87 -9.03
N ALA A 109 13.28 5.32 -8.03
CA ALA A 109 14.74 5.48 -8.13
C ALA A 109 15.44 4.18 -8.55
N GLY A 110 15.00 3.07 -7.95
CA GLY A 110 15.53 1.76 -8.26
C GLY A 110 15.42 1.30 -9.71
N TYR A 111 14.33 1.64 -10.37
CA TYR A 111 14.16 1.28 -11.78
C TYR A 111 14.70 2.35 -12.72
N PHE A 112 14.72 3.60 -12.24
CA PHE A 112 15.06 4.77 -13.05
C PHE A 112 16.55 4.87 -13.35
N LEU A 113 17.39 4.75 -12.32
CA LEU A 113 18.83 4.91 -12.47
C LEU A 113 19.50 3.87 -13.41
N PRO A 114 19.16 2.57 -13.27
CA PRO A 114 19.65 1.60 -14.25
C PRO A 114 19.20 1.89 -15.68
N LEU A 115 17.98 2.40 -15.84
CA LEU A 115 17.44 2.74 -17.15
C LEU A 115 18.25 3.84 -17.85
N ILE A 116 18.68 4.85 -17.09
CA ILE A 116 19.44 5.97 -17.65
C ILE A 116 20.96 5.78 -17.54
N ASN A 117 21.38 4.58 -17.11
CA ASN A 117 22.80 4.25 -16.95
C ASN A 117 23.52 4.99 -15.82
N ALA A 118 22.75 5.56 -14.90
CA ALA A 118 23.35 6.25 -13.75
C ALA A 118 23.82 5.21 -12.73
N PRO A 119 24.98 5.46 -12.12
CA PRO A 119 25.48 4.58 -11.06
C PRO A 119 24.62 4.64 -9.80
N ILE A 120 24.57 3.53 -9.07
CA ILE A 120 23.87 3.49 -7.81
C ILE A 120 24.77 4.09 -6.71
N ASN A 121 24.39 5.30 -6.28
CA ASN A 121 25.01 5.95 -5.13
C ASN A 121 23.95 6.20 -4.08
N THR A 122 24.37 6.38 -2.83
CA THR A 122 23.51 6.92 -1.79
C THR A 122 23.04 8.32 -2.20
N PHE A 123 23.87 9.03 -2.96
CA PHE A 123 23.54 10.37 -3.45
C PHE A 123 22.55 10.35 -4.63
N ASN A 124 22.85 9.53 -5.64
CA ASN A 124 21.98 9.39 -6.81
C ASN A 124 20.59 8.88 -6.46
N ILE A 125 20.52 7.93 -5.53
CA ILE A 125 19.25 7.45 -4.99
C ILE A 125 18.52 8.61 -4.30
N ALA A 126 19.20 9.28 -3.37
CA ALA A 126 18.62 10.42 -2.64
C ALA A 126 18.06 11.51 -3.55
N ILE A 127 18.85 11.91 -4.56
CA ILE A 127 18.47 12.94 -5.53
C ILE A 127 17.19 12.58 -6.31
N THR A 128 17.11 11.31 -6.72
CA THR A 128 16.02 10.82 -7.55
C THR A 128 14.72 10.73 -6.74
N GLU A 129 14.83 10.34 -5.47
CA GLU A 129 13.71 10.32 -4.54
C GLU A 129 13.17 11.72 -4.25
N ILE A 130 14.08 12.63 -3.89
CA ILE A 130 13.72 14.04 -3.69
C ILE A 130 13.06 14.59 -4.95
N GLY A 131 13.70 14.35 -6.10
CA GLY A 131 13.21 14.82 -7.39
C GLY A 131 11.82 14.34 -7.76
N ILE A 132 11.55 13.05 -7.60
CA ILE A 132 10.25 12.49 -7.95
C ILE A 132 9.13 12.96 -7.01
N VAL A 133 9.47 13.09 -5.72
CA VAL A 133 8.49 13.58 -4.74
C VAL A 133 8.20 15.05 -5.00
N ALA A 134 9.24 15.86 -5.17
CA ALA A 134 9.05 17.28 -5.55
C ALA A 134 8.19 17.42 -6.81
N PHE A 135 8.43 16.56 -7.81
CA PHE A 135 7.63 16.59 -9.04
C PHE A 135 6.14 16.38 -8.76
N PHE A 136 5.82 15.37 -7.95
CA PHE A 136 4.43 15.09 -7.61
C PHE A 136 3.83 16.13 -6.66
N THR A 137 4.69 16.78 -5.89
CA THR A 137 4.29 17.92 -5.06
C THR A 137 3.89 19.10 -5.96
N ALA A 138 4.77 19.47 -6.89
CA ALA A 138 4.49 20.55 -7.83
C ALA A 138 3.26 20.29 -8.70
N LEU A 139 3.01 19.01 -8.99
CA LEU A 139 1.90 18.56 -9.83
C LEU A 139 0.55 19.06 -9.35
N ASN A 140 0.44 19.26 -8.04
CA ASN A 140 -0.77 19.82 -7.44
C ASN A 140 -1.20 21.10 -8.13
N PHE A 141 -0.21 21.86 -8.59
CA PHE A 141 -0.45 23.21 -9.12
C PHE A 141 -0.65 23.25 -10.64
N PHE A 142 -0.26 22.18 -11.34
CA PHE A 142 -0.41 22.18 -12.81
C PHE A 142 -1.04 20.96 -13.50
N GLY A 143 -0.94 19.77 -12.90
CA GLY A 143 -1.39 18.58 -13.63
C GLY A 143 -1.84 17.33 -12.89
N SER A 144 -2.16 17.44 -11.61
CA SER A 144 -2.57 16.25 -10.84
C SER A 144 -3.89 15.63 -11.31
N LYS A 145 -4.81 16.45 -11.81
CA LYS A 145 -6.09 15.97 -12.34
C LYS A 145 -5.92 15.23 -13.67
N ALA A 146 -5.03 15.76 -14.51
CA ALA A 146 -4.73 15.18 -15.83
C ALA A 146 -4.03 13.84 -15.73
N VAL A 147 -3.06 13.72 -14.82
CA VAL A 147 -2.43 12.43 -14.52
C VAL A 147 -3.49 11.50 -13.95
N GLY A 148 -4.39 12.06 -13.14
CA GLY A 148 -5.52 11.31 -12.59
C GLY A 148 -6.37 10.62 -13.66
N ARG A 149 -6.65 11.35 -14.75
CA ARG A 149 -7.42 10.83 -15.89
C ARG A 149 -6.63 9.76 -16.66
N ALA A 150 -5.30 9.84 -16.58
CA ALA A 150 -4.41 8.86 -17.23
C ALA A 150 -4.22 7.59 -16.40
N GLU A 151 -4.57 7.63 -15.11
CA GLU A 151 -4.32 6.51 -14.19
C GLU A 151 -4.93 5.19 -14.66
N PHE A 152 -6.21 5.22 -15.07
CA PHE A 152 -6.93 4.01 -15.50
C PHE A 152 -6.26 3.34 -16.70
N PHE A 153 -5.71 4.14 -17.59
CA PHE A 153 -5.09 3.65 -18.81
C PHE A 153 -3.68 3.15 -18.57
N ILE A 154 -2.98 3.76 -17.60
CA ILE A 154 -1.66 3.26 -17.14
C ILE A 154 -1.80 1.89 -16.46
N VAL A 155 -2.84 1.73 -15.66
CA VAL A 155 -3.11 0.45 -15.00
C VAL A 155 -3.39 -0.68 -16.01
N LEU A 156 -4.16 -0.38 -17.06
CA LEU A 156 -4.44 -1.36 -18.12
C LEU A 156 -3.17 -1.78 -18.86
N VAL A 157 -2.35 -0.80 -19.21
CA VAL A 157 -1.12 -1.06 -19.95
C VAL A 157 -0.14 -1.92 -19.15
N LYS A 158 0.11 -1.55 -17.89
CA LYS A 158 1.01 -2.33 -17.05
C LYS A 158 0.49 -3.75 -16.78
N LEU A 159 -0.83 -3.93 -16.79
CA LEU A 159 -1.40 -5.26 -16.64
C LEU A 159 -1.13 -6.13 -17.87
N LEU A 160 -1.15 -5.50 -19.04
CA LEU A 160 -0.81 -6.18 -20.29
C LEU A 160 0.66 -6.54 -20.33
N ILE A 161 1.51 -5.58 -19.98
CA ILE A 161 2.96 -5.77 -19.90
C ILE A 161 3.30 -6.93 -18.95
N LEU A 162 2.61 -6.98 -17.82
CA LEU A 162 2.80 -8.05 -16.85
C LEU A 162 2.14 -9.36 -17.30
N GLY A 163 1.11 -9.25 -18.13
CA GLY A 163 0.54 -10.41 -18.81
C GLY A 163 1.59 -11.04 -19.73
N LEU A 164 2.27 -10.20 -20.50
CA LEU A 164 3.36 -10.67 -21.35
C LEU A 164 4.44 -11.35 -20.52
N PHE A 165 4.91 -10.67 -19.48
CA PHE A 165 5.97 -11.17 -18.60
C PHE A 165 5.63 -12.55 -18.02
N ILE A 166 4.37 -12.74 -17.65
CA ILE A 166 3.94 -13.98 -17.04
C ILE A 166 3.91 -15.12 -18.07
N PHE A 167 3.13 -14.94 -19.14
CA PHE A 167 2.84 -16.01 -20.09
C PHE A 167 3.97 -16.38 -21.06
N ALA A 168 4.83 -15.41 -21.38
CA ALA A 168 6.03 -15.70 -22.17
C ALA A 168 7.08 -16.33 -21.27
N GLY A 169 7.15 -15.86 -20.03
CA GLY A 169 8.08 -16.38 -19.04
C GLY A 169 7.82 -17.83 -18.67
N LEU A 170 6.54 -18.23 -18.67
CA LEU A 170 6.16 -19.60 -18.31
C LEU A 170 6.59 -20.62 -19.37
N ILE A 171 6.68 -20.18 -20.63
CA ILE A 171 7.14 -21.04 -21.73
C ILE A 171 8.54 -21.59 -21.47
N THR A 172 9.41 -20.76 -20.89
CA THR A 172 10.82 -21.13 -20.74
C THR A 172 11.26 -21.35 -19.29
N ILE A 173 10.32 -21.32 -18.35
CA ILE A 173 10.67 -21.55 -16.94
C ILE A 173 11.22 -22.94 -16.73
N HIS A 174 12.16 -23.05 -15.79
CA HIS A 174 12.60 -24.34 -15.31
C HIS A 174 11.70 -24.71 -14.14
N PRO A 175 10.85 -25.75 -14.33
CA PRO A 175 9.89 -26.21 -13.31
C PRO A 175 10.60 -26.63 -12.03
N SER A 176 11.87 -27.02 -12.17
CA SER A 176 12.74 -27.40 -11.07
C SER A 176 13.08 -26.27 -10.11
N TYR A 177 12.92 -25.01 -10.55
CA TYR A 177 13.00 -23.89 -9.60
C TYR A 177 11.68 -23.14 -9.41
N VAL A 178 10.59 -23.88 -9.52
CA VAL A 178 9.24 -23.36 -9.32
C VAL A 178 8.63 -24.06 -8.11
N ILE A 179 8.94 -25.35 -7.96
CA ILE A 179 8.51 -26.20 -6.84
C ILE A 179 8.96 -25.62 -5.48
N PRO A 180 8.01 -25.48 -4.52
CA PRO A 180 8.29 -24.85 -3.24
C PRO A 180 9.33 -25.57 -2.39
N ASP A 181 10.30 -24.81 -1.88
CA ASP A 181 11.35 -25.32 -1.01
C ASP A 181 10.83 -25.51 0.41
N LEU A 182 10.91 -26.74 0.91
CA LEU A 182 10.29 -27.09 2.19
C LEU A 182 11.28 -27.23 3.34
N ALA A 183 12.52 -26.78 3.11
CA ALA A 183 13.52 -26.67 4.18
C ALA A 183 13.01 -25.70 5.27
N PRO A 184 13.24 -26.02 6.55
CA PRO A 184 12.79 -25.19 7.69
C PRO A 184 13.16 -23.71 7.59
N SER A 185 14.34 -23.41 7.05
CA SER A 185 14.79 -22.04 6.87
C SER A 185 14.15 -21.37 5.64
N ALA A 186 13.78 -22.16 4.64
CA ALA A 186 13.11 -21.65 3.44
C ALA A 186 11.65 -21.34 3.77
N VAL A 187 11.07 -22.17 4.64
CA VAL A 187 9.69 -22.00 5.13
C VAL A 187 9.57 -20.79 6.06
N SER A 188 10.56 -20.60 6.92
CA SER A 188 10.53 -19.50 7.88
C SER A 188 10.85 -18.14 7.24
N GLY A 189 11.63 -18.16 6.16
CA GLY A 189 11.88 -16.96 5.36
C GLY A 189 10.63 -16.55 4.61
N MET A 190 9.89 -17.55 4.16
CA MET A 190 8.59 -17.39 3.50
C MET A 190 7.56 -16.74 4.42
N ILE A 191 7.59 -17.10 5.71
CA ILE A 191 6.65 -16.57 6.69
C ILE A 191 7.04 -15.16 7.16
N PHE A 192 8.33 -14.91 7.34
CA PHE A 192 8.78 -13.58 7.69
C PHE A 192 8.52 -12.57 6.56
N ALA A 193 8.78 -12.99 5.33
CA ALA A 193 8.53 -12.14 4.17
C ALA A 193 7.05 -11.81 4.07
N SER A 194 6.18 -12.78 4.37
CA SER A 194 4.73 -12.58 4.35
C SER A 194 4.29 -11.42 5.25
N ALA A 195 4.97 -11.26 6.39
CA ALA A 195 4.72 -10.17 7.32
C ALA A 195 5.06 -8.82 6.70
N ILE A 196 6.21 -8.74 6.03
CA ILE A 196 6.64 -7.54 5.31
C ILE A 196 5.72 -7.27 4.13
N PHE A 197 5.31 -8.34 3.47
CA PHE A 197 4.52 -8.28 2.25
C PHE A 197 3.02 -8.16 2.47
N PHE A 198 2.63 -7.84 3.70
CA PHE A 198 1.23 -7.58 4.01
C PHE A 198 0.79 -6.32 3.23
N LEU A 199 1.69 -5.33 3.11
CA LEU A 199 1.41 -4.06 2.41
C LEU A 199 1.05 -4.25 0.93
N SER A 200 1.38 -5.42 0.38
CA SER A 200 1.07 -5.76 -1.00
C SER A 200 -0.42 -5.64 -1.30
N TYR A 201 -1.23 -5.65 -0.26
CA TYR A 201 -2.68 -5.62 -0.40
C TYR A 201 -3.25 -4.36 0.26
N MET A 202 -2.56 -3.24 0.03
CA MET A 202 -2.91 -1.94 0.59
C MET A 202 -4.05 -1.23 -0.14
N GLY A 203 -4.85 -1.99 -0.90
CA GLY A 203 -6.00 -1.44 -1.61
C GLY A 203 -7.10 -0.86 -0.74
N PHE A 204 -7.12 -1.23 0.55
CA PHE A 204 -8.17 -0.79 1.49
C PHE A 204 -8.23 0.72 1.62
N GLY A 205 -7.06 1.36 1.66
CA GLY A 205 -6.92 2.78 1.92
C GLY A 205 -7.56 3.67 0.87
N VAL A 206 -7.02 3.63 -0.35
CA VAL A 206 -7.55 4.45 -1.44
C VAL A 206 -9.03 4.21 -1.74
N ILE A 207 -9.53 2.99 -1.49
CA ILE A 207 -10.95 2.67 -1.73
C ILE A 207 -11.85 3.30 -0.68
N THR A 208 -11.56 3.07 0.60
CA THR A 208 -12.43 3.55 1.67
C THR A 208 -12.34 5.06 1.91
N ASN A 209 -11.16 5.63 1.66
CA ASN A 209 -11.00 7.10 1.64
C ASN A 209 -11.68 7.76 0.44
N ALA A 210 -12.15 6.94 -0.52
CA ALA A 210 -12.93 7.42 -1.67
C ALA A 210 -14.38 6.91 -1.67
N SER A 211 -14.82 6.31 -0.58
CA SER A 211 -16.11 5.61 -0.59
C SER A 211 -17.32 6.48 -0.93
N GLU A 212 -17.26 7.78 -0.58
CA GLU A 212 -18.34 8.69 -0.94
C GLU A 212 -18.23 9.17 -2.38
N HIS A 213 -17.06 8.99 -2.98
CA HIS A 213 -16.84 9.25 -4.39
C HIS A 213 -16.96 7.98 -5.23
N ILE A 214 -17.58 6.94 -4.68
CA ILE A 214 -17.77 5.68 -5.41
C ILE A 214 -19.28 5.44 -5.57
N GLU A 215 -19.69 5.20 -6.82
CA GLU A 215 -21.09 4.91 -7.13
CA GLU A 215 -21.10 4.92 -7.10
C GLU A 215 -21.59 3.70 -6.35
N ASN A 216 -22.78 3.82 -5.77
CA ASN A 216 -23.39 2.75 -4.97
C ASN A 216 -22.38 2.10 -4.02
N PRO A 217 -21.78 2.91 -3.10
CA PRO A 217 -20.64 2.47 -2.30
C PRO A 217 -20.90 1.28 -1.39
N LYS A 218 -22.12 1.15 -0.87
CA LYS A 218 -22.46 0.03 0.02
C LYS A 218 -22.33 -1.32 -0.69
N LYS A 219 -22.54 -1.31 -2.00
CA LYS A 219 -22.34 -2.48 -2.84
C LYS A 219 -20.90 -2.48 -3.35
N ASN A 220 -20.46 -1.37 -3.94
CA ASN A 220 -19.20 -1.31 -4.69
C ASN A 220 -17.89 -1.15 -3.89
N VAL A 221 -17.96 -0.65 -2.66
CA VAL A 221 -16.77 -0.66 -1.82
C VAL A 221 -16.37 -2.10 -1.46
N PRO A 222 -17.30 -2.92 -0.93
CA PRO A 222 -16.96 -4.34 -0.69
C PRO A 222 -16.56 -5.11 -1.95
N ARG A 223 -17.25 -4.89 -3.06
CA ARG A 223 -16.90 -5.58 -4.30
C ARG A 223 -15.53 -5.17 -4.82
N ALA A 224 -15.20 -3.87 -4.73
CA ALA A 224 -13.90 -3.38 -5.20
C ALA A 224 -12.75 -3.90 -4.35
N ILE A 225 -12.99 -4.08 -3.06
CA ILE A 225 -11.96 -4.58 -2.16
C ILE A 225 -11.68 -6.06 -2.46
N PHE A 226 -12.74 -6.84 -2.62
CA PHE A 226 -12.60 -8.27 -2.90
C PHE A 226 -12.02 -8.55 -4.29
N ILE A 227 -12.58 -7.92 -5.32
CA ILE A 227 -12.11 -8.11 -6.69
C ILE A 227 -10.64 -7.70 -6.85
N SER A 228 -10.26 -6.54 -6.31
CA SER A 228 -8.89 -6.06 -6.45
C SER A 228 -7.87 -6.98 -5.77
N ILE A 229 -8.22 -7.55 -4.61
CA ILE A 229 -7.33 -8.49 -3.92
C ILE A 229 -7.09 -9.75 -4.78
N LEU A 230 -8.17 -10.29 -5.34
CA LEU A 230 -8.09 -11.50 -6.17
C LEU A 230 -7.28 -11.30 -7.45
N ILE A 231 -7.50 -10.17 -8.13
CA ILE A 231 -6.71 -9.82 -9.30
C ILE A 231 -5.21 -9.81 -8.97
N VAL A 232 -4.81 -9.02 -7.98
CA VAL A 232 -3.38 -8.87 -7.67
C VAL A 232 -2.75 -10.16 -7.11
N MET A 233 -3.51 -10.97 -6.38
CA MET A 233 -3.03 -12.28 -5.95
C MET A 233 -2.59 -13.13 -7.15
N PHE A 234 -3.43 -13.19 -8.19
CA PHE A 234 -3.09 -13.92 -9.43
C PHE A 234 -1.90 -13.31 -10.19
N VAL A 235 -1.89 -11.98 -10.30
CA VAL A 235 -0.78 -11.26 -10.94
C VAL A 235 0.56 -11.50 -10.23
N TYR A 236 0.57 -11.36 -8.91
CA TYR A 236 1.78 -11.52 -8.10
C TYR A 236 2.38 -12.92 -8.23
N VAL A 237 1.52 -13.93 -8.14
CA VAL A 237 1.94 -15.32 -8.18
C VAL A 237 2.49 -15.64 -9.57
N GLY A 238 1.79 -15.19 -10.61
CA GLY A 238 2.26 -15.30 -11.99
C GLY A 238 3.61 -14.66 -12.23
N VAL A 239 3.82 -13.48 -11.65
CA VAL A 239 5.07 -12.72 -11.83
C VAL A 239 6.24 -13.33 -11.05
N ALA A 240 5.98 -13.76 -9.81
CA ALA A 240 6.98 -14.40 -8.98
C ALA A 240 7.46 -15.73 -9.56
N ILE A 241 6.52 -16.54 -10.08
CA ILE A 241 6.86 -17.81 -10.72
C ILE A 241 7.69 -17.58 -11.98
N SER A 242 7.18 -16.71 -12.86
CA SER A 242 7.84 -16.36 -14.12
C SER A 242 9.24 -15.80 -13.93
N ALA A 243 9.40 -14.86 -13.00
CA ALA A 243 10.72 -14.30 -12.70
C ALA A 243 11.65 -15.35 -12.11
N ILE A 244 11.14 -16.08 -11.12
CA ILE A 244 11.90 -17.09 -10.39
C ILE A 244 12.29 -18.29 -11.28
N GLY A 245 11.42 -18.66 -12.21
CA GLY A 245 11.69 -19.77 -13.11
C GLY A 245 12.60 -19.42 -14.28
N ASN A 246 13.02 -18.16 -14.37
CA ASN A 246 13.79 -17.67 -15.51
C ASN A 246 15.13 -17.02 -15.18
N LEU A 247 15.33 -16.68 -13.92
CA LEU A 247 16.58 -16.06 -13.48
C LEU A 247 17.05 -16.70 -12.17
N PRO A 248 18.35 -17.04 -12.08
CA PRO A 248 18.95 -17.49 -10.82
C PRO A 248 18.55 -16.60 -9.66
N ILE A 249 18.09 -17.23 -8.58
CA ILE A 249 17.60 -16.55 -7.39
C ILE A 249 18.61 -15.56 -6.78
N ASP A 250 19.90 -15.80 -6.97
CA ASP A 250 20.93 -14.91 -6.41
C ASP A 250 21.20 -13.70 -7.31
N GLU A 251 20.81 -13.83 -8.57
CA GLU A 251 20.86 -12.71 -9.52
C GLU A 251 19.64 -11.78 -9.39
N LEU A 252 18.51 -12.31 -8.94
CA LEU A 252 17.35 -11.49 -8.55
C LEU A 252 17.73 -10.56 -7.40
N ILE A 253 18.53 -11.08 -6.46
CA ILE A 253 18.87 -10.36 -5.24
C ILE A 253 19.89 -9.24 -5.46
N LYS A 254 20.82 -9.44 -6.39
CA LYS A 254 21.78 -8.37 -6.72
C LYS A 254 21.11 -7.25 -7.52
N ALA A 255 20.12 -7.61 -8.33
CA ALA A 255 19.32 -6.64 -9.07
C ALA A 255 18.05 -6.27 -8.32
N SER A 256 18.17 -6.10 -7.00
CA SER A 256 17.02 -5.94 -6.11
C SER A 256 16.16 -4.72 -6.45
N GLU A 257 16.81 -3.59 -6.67
CA GLU A 257 16.15 -2.32 -6.98
C GLU A 257 15.36 -2.29 -8.31
N ASN A 258 15.72 -3.16 -9.25
CA ASN A 258 15.01 -3.25 -10.53
C ASN A 258 14.82 -4.69 -11.01
N ALA A 259 14.49 -5.56 -10.06
CA ALA A 259 14.52 -7.02 -10.25
C ALA A 259 13.85 -7.55 -11.51
N LEU A 260 12.67 -7.04 -11.84
CA LEU A 260 11.89 -7.61 -12.95
C LEU A 260 12.39 -7.22 -14.33
N ALA A 261 13.15 -6.13 -14.41
CA ALA A 261 13.70 -5.70 -15.69
C ALA A 261 14.91 -6.56 -16.05
N VAL A 262 15.72 -6.86 -15.03
CA VAL A 262 16.82 -7.80 -15.16
C VAL A 262 16.28 -9.22 -15.39
N ALA A 263 15.16 -9.55 -14.73
CA ALA A 263 14.54 -10.87 -14.88
C ALA A 263 13.87 -11.09 -16.22
N ALA A 264 13.51 -10.00 -16.90
CA ALA A 264 12.89 -10.07 -18.22
C ALA A 264 13.92 -10.38 -19.32
N LYS A 265 15.16 -9.96 -19.10
CA LYS A 265 16.23 -10.10 -20.09
C LYS A 265 16.45 -11.51 -20.67
N PRO A 266 16.58 -12.55 -19.81
CA PRO A 266 16.72 -13.92 -20.33
C PRO A 266 15.72 -14.33 -21.41
N PHE A 267 14.47 -13.88 -21.31
CA PHE A 267 13.43 -14.34 -22.23
C PHE A 267 12.77 -13.27 -23.10
N LEU A 268 13.09 -12.00 -22.86
CA LEU A 268 12.53 -10.91 -23.68
C LEU A 268 13.62 -9.99 -24.24
N GLY A 269 14.86 -10.29 -23.89
CA GLY A 269 16.00 -9.52 -24.36
C GLY A 269 16.00 -8.09 -23.84
N ASN A 270 16.78 -7.25 -24.50
CA ASN A 270 16.96 -5.85 -24.09
C ASN A 270 15.71 -4.99 -24.23
N LEU A 271 14.80 -5.38 -25.14
CA LEU A 271 13.51 -4.70 -25.28
C LEU A 271 12.58 -5.00 -24.10
N GLY A 272 12.69 -6.21 -23.55
CA GLY A 272 11.98 -6.59 -22.33
C GLY A 272 12.46 -5.80 -21.12
N PHE A 273 13.78 -5.65 -21.00
CA PHE A 273 14.36 -4.80 -19.94
C PHE A 273 13.78 -3.39 -20.00
N LEU A 274 13.74 -2.85 -21.23
CA LEU A 274 13.25 -1.50 -21.51
C LEU A 274 11.75 -1.36 -21.21
N LEU A 275 10.96 -2.32 -21.66
CA LEU A 275 9.51 -2.31 -21.48
C LEU A 275 9.13 -2.39 -20.00
N ILE A 276 9.72 -3.36 -19.29
CA ILE A 276 9.49 -3.54 -17.86
C ILE A 276 9.94 -2.31 -17.05
N SER A 277 11.07 -1.71 -17.43
CA SER A 277 11.55 -0.49 -16.76
C SER A 277 10.63 0.72 -16.96
N ILE A 278 10.11 0.87 -18.18
CA ILE A 278 9.23 1.99 -18.52
C ILE A 278 7.89 1.77 -17.86
N GLY A 279 7.41 0.53 -17.92
CA GLY A 279 6.18 0.12 -17.26
C GLY A 279 6.25 0.35 -15.76
N ALA A 280 7.40 0.06 -15.16
CA ALA A 280 7.64 0.27 -13.73
C ALA A 280 7.52 1.75 -13.36
N LEU A 281 8.11 2.61 -14.19
CA LEU A 281 8.10 4.05 -13.90
C LEU A 281 6.70 4.63 -13.98
N PHE A 282 5.94 4.20 -14.98
CA PHE A 282 4.54 4.60 -15.10
C PHE A 282 3.66 3.99 -14.01
N SER A 283 3.91 2.72 -13.66
CA SER A 283 3.15 2.07 -12.58
C SER A 283 3.32 2.80 -11.25
N ILE A 284 4.56 3.10 -10.89
CA ILE A 284 4.87 3.76 -9.64
C ILE A 284 4.36 5.19 -9.64
N SER A 285 4.60 5.92 -10.74
CA SER A 285 4.07 7.26 -10.93
C SER A 285 2.56 7.33 -10.70
N SER A 286 1.81 6.43 -11.33
CA SER A 286 0.35 6.38 -11.16
C SER A 286 -0.07 5.97 -9.75
N ALA A 287 0.75 5.15 -9.10
CA ALA A 287 0.50 4.75 -7.72
C ALA A 287 0.74 5.93 -6.76
N MET A 288 1.73 6.76 -7.08
CA MET A 288 2.02 7.92 -6.25
C MET A 288 0.96 9.00 -6.40
N ASN A 289 0.44 9.18 -7.60
CA ASN A 289 -0.63 10.14 -7.84
C ASN A 289 -1.91 9.74 -7.10
N ALA A 290 -2.26 8.45 -7.16
CA ALA A 290 -3.40 7.93 -6.41
C ALA A 290 -3.23 8.04 -4.89
N THR A 291 -1.99 7.82 -4.41
CA THR A 291 -1.64 7.86 -2.98
C THR A 291 -1.64 9.29 -2.41
N ILE A 292 -1.13 10.25 -3.19
CA ILE A 292 -1.11 11.64 -2.74
C ILE A 292 -2.47 12.29 -2.97
N TYR A 293 -2.97 12.16 -4.20
CA TYR A 293 -4.22 12.79 -4.61
C TYR A 293 -5.32 11.74 -4.64
N GLY A 294 -5.93 11.53 -3.47
CA GLY A 294 -6.89 10.45 -3.29
C GLY A 294 -6.77 9.80 -1.91
N GLY A 295 -5.55 9.77 -1.38
CA GLY A 295 -5.28 9.17 -0.09
C GLY A 295 -4.77 10.17 0.94
N ALA A 296 -3.52 10.60 0.77
CA ALA A 296 -2.90 11.54 1.71
C ALA A 296 -3.67 12.85 1.87
N ASN A 297 -4.20 13.40 0.79
CA ASN A 297 -4.93 14.69 0.90
C ASN A 297 -6.18 14.57 1.78
N VAL A 298 -6.93 13.49 1.59
CA VAL A 298 -8.09 13.17 2.39
C VAL A 298 -7.72 12.93 3.86
N ALA A 299 -6.74 12.06 4.08
CA ALA A 299 -6.35 11.62 5.43
C ALA A 299 -5.78 12.75 6.29
N TYR A 300 -5.02 13.65 5.67
CA TYR A 300 -4.47 14.83 6.35
C TYR A 300 -5.58 15.77 6.86
N SER A 301 -6.52 16.11 5.96
CA SER A 301 -7.64 17.00 6.31
C SER A 301 -8.53 16.44 7.41
N LEU A 302 -8.82 15.15 7.35
CA LEU A 302 -9.59 14.49 8.40
C LEU A 302 -8.86 14.50 9.75
N ALA A 303 -7.57 14.19 9.74
CA ALA A 303 -6.77 14.20 10.97
C ALA A 303 -6.70 15.62 11.55
N LYS A 304 -6.48 16.61 10.67
CA LYS A 304 -6.37 18.01 11.08
C LYS A 304 -7.70 18.59 11.57
N ASP A 305 -8.78 18.36 10.82
CA ASP A 305 -10.08 19.01 11.05
C ASP A 305 -11.07 18.18 11.86
N GLY A 306 -10.85 16.88 11.94
CA GLY A 306 -11.81 15.98 12.59
C GLY A 306 -13.05 15.72 11.74
N GLU A 307 -13.01 16.18 10.50
CA GLU A 307 -14.13 16.08 9.56
C GLU A 307 -13.64 16.39 8.14
N LEU A 308 -14.48 16.10 7.15
CA LEU A 308 -14.15 16.38 5.75
C LEU A 308 -15.29 17.13 5.04
N PRO A 309 -14.95 17.90 3.99
CA PRO A 309 -16.02 18.53 3.21
C PRO A 309 -16.89 17.45 2.55
N GLU A 310 -18.18 17.74 2.39
CA GLU A 310 -19.09 16.82 1.74
C GLU A 310 -18.75 16.69 0.24
N PHE A 311 -18.34 17.78 -0.39
CA PHE A 311 -18.02 17.83 -1.82
C PHE A 311 -16.63 18.40 -2.05
N PHE A 312 -15.78 17.62 -2.70
CA PHE A 312 -14.43 18.09 -3.02
C PHE A 312 -13.79 17.34 -4.18
N GLU A 313 -12.78 17.95 -4.77
CA GLU A 313 -11.97 17.32 -5.80
C GLU A 313 -10.87 16.44 -5.17
N ARG A 314 -11.04 15.12 -5.33
CA ARG A 314 -10.09 14.10 -4.86
C ARG A 314 -8.70 14.20 -5.45
N LYS A 315 -8.63 14.71 -6.69
CA LYS A 315 -7.41 14.66 -7.46
C LYS A 315 -6.52 15.90 -7.36
N VAL A 316 -6.86 16.80 -6.43
CA VAL A 316 -5.98 17.89 -6.02
C VAL A 316 -5.84 17.91 -4.49
N TRP A 317 -4.86 18.64 -3.98
CA TRP A 317 -4.80 18.91 -2.54
C TRP A 317 -5.87 19.95 -2.21
N PHE A 318 -7.08 19.44 -1.95
CA PHE A 318 -8.30 20.25 -1.93
C PHE A 318 -8.42 21.19 -0.73
N LYS A 319 -7.63 20.95 0.33
CA LYS A 319 -7.70 21.80 1.52
C LYS A 319 -6.38 21.76 2.28
N SER A 320 -6.06 22.87 2.96
CA SER A 320 -4.86 22.98 3.80
C SER A 320 -3.57 22.61 3.05
N THR A 321 -3.14 23.49 2.15
CA THR A 321 -1.96 23.25 1.31
C THR A 321 -0.66 22.99 2.08
N GLU A 322 -0.57 23.45 3.33
CA GLU A 322 0.63 23.18 4.14
C GLU A 322 0.82 21.67 4.34
N GLY A 323 -0.31 20.94 4.43
CA GLY A 323 -0.30 19.49 4.55
C GLY A 323 0.40 18.80 3.40
N LEU A 324 0.32 19.40 2.22
CA LEU A 324 0.97 18.84 1.03
C LEU A 324 2.49 18.82 1.19
N TYR A 325 3.04 19.94 1.67
CA TYR A 325 4.47 20.07 1.92
C TYR A 325 4.94 19.21 3.09
N ILE A 326 4.08 19.07 4.11
CA ILE A 326 4.41 18.25 5.28
C ILE A 326 4.45 16.77 4.88
N THR A 327 3.45 16.35 4.11
CA THR A 327 3.38 14.99 3.58
C THR A 327 4.62 14.66 2.73
N SER A 328 5.00 15.58 1.86
CA SER A 328 6.17 15.38 0.99
C SER A 328 7.50 15.35 1.74
N ALA A 329 7.65 16.28 2.68
CA ALA A 329 8.86 16.38 3.51
C ALA A 329 9.09 15.14 4.37
N LEU A 330 8.04 14.71 5.08
CA LEU A 330 8.11 13.48 5.87
C LEU A 330 8.35 12.23 5.01
N GLY A 331 7.75 12.21 3.82
CA GLY A 331 7.97 11.13 2.86
C GLY A 331 9.43 11.02 2.46
N VAL A 332 10.04 12.14 2.11
CA VAL A 332 11.46 12.19 1.78
C VAL A 332 12.35 11.80 2.97
N LEU A 333 11.97 12.24 4.17
CA LEU A 333 12.69 11.86 5.39
C LEU A 333 12.80 10.35 5.56
N PHE A 334 11.66 9.66 5.55
CA PHE A 334 11.62 8.20 5.65
C PHE A 334 12.43 7.52 4.55
N ALA A 335 12.38 8.06 3.34
CA ALA A 335 13.13 7.50 2.20
C ALA A 335 14.64 7.64 2.37
N LEU A 336 15.10 8.73 2.96
CA LEU A 336 16.52 8.99 3.17
C LEU A 336 17.08 8.18 4.34
N LEU A 337 16.26 7.95 5.36
CA LEU A 337 16.69 7.28 6.57
C LEU A 337 16.80 5.77 6.44
N PHE A 338 15.85 5.17 5.72
CA PHE A 338 15.71 3.71 5.69
C PHE A 338 15.91 3.16 4.28
N ASN A 339 16.21 1.87 4.18
CA ASN A 339 16.28 1.20 2.88
C ASN A 339 14.91 0.60 2.51
N MET A 340 14.81 -0.06 1.36
CA MET A 340 13.52 -0.56 0.91
C MET A 340 12.89 -1.50 1.93
N GLU A 341 13.66 -2.49 2.40
CA GLU A 341 13.18 -3.42 3.43
C GLU A 341 12.75 -2.67 4.70
N GLY A 342 13.48 -1.60 5.04
CA GLY A 342 13.11 -0.77 6.18
C GLY A 342 11.76 -0.09 5.99
N VAL A 343 11.61 0.65 4.89
CA VAL A 343 10.38 1.38 4.58
C VAL A 343 9.20 0.41 4.44
N ALA A 344 9.43 -0.72 3.77
CA ALA A 344 8.44 -1.78 3.62
C ALA A 344 7.94 -2.29 4.97
N SER A 345 8.87 -2.48 5.91
CA SER A 345 8.56 -2.98 7.24
C SER A 345 7.75 -1.99 8.05
N ILE A 346 8.15 -0.72 8.04
CA ILE A 346 7.44 0.33 8.77
C ILE A 346 6.01 0.48 8.24
N THR A 347 5.86 0.50 6.91
CA THR A 347 4.57 0.60 6.23
C THR A 347 3.65 -0.55 6.64
N SER A 348 4.18 -1.77 6.57
CA SER A 348 3.43 -2.97 6.87
C SER A 348 2.99 -3.00 8.34
N ALA A 349 3.86 -2.51 9.22
CA ALA A 349 3.57 -2.43 10.65
C ALA A 349 2.39 -1.48 10.92
N VAL A 350 2.45 -0.29 10.34
CA VAL A 350 1.42 0.74 10.47
C VAL A 350 0.07 0.26 9.92
N PHE A 351 0.07 -0.39 8.76
CA PHE A 351 -1.17 -0.91 8.20
C PHE A 351 -1.81 -1.94 9.13
N MET A 352 -0.98 -2.82 9.69
CA MET A 352 -1.48 -3.83 10.63
C MET A 352 -2.17 -3.21 11.85
N VAL A 353 -1.64 -2.12 12.39
CA VAL A 353 -2.28 -1.49 13.53
C VAL A 353 -3.65 -0.90 13.14
N ILE A 354 -3.70 -0.21 12.01
CA ILE A 354 -4.97 0.25 11.46
C ILE A 354 -5.95 -0.93 11.34
N TYR A 355 -5.52 -2.00 10.67
CA TYR A 355 -6.37 -3.18 10.42
C TYR A 355 -6.88 -3.84 11.69
N LEU A 356 -6.05 -3.90 12.73
CA LEU A 356 -6.44 -4.48 14.02
C LEU A 356 -7.61 -3.72 14.66
N PHE A 357 -7.52 -2.39 14.62
CA PHE A 357 -8.57 -1.53 15.15
C PHE A 357 -9.85 -1.58 14.31
N VAL A 358 -9.72 -1.85 13.01
CA VAL A 358 -10.88 -2.07 12.16
C VAL A 358 -11.55 -3.41 12.52
N ILE A 359 -10.74 -4.46 12.67
CA ILE A 359 -11.24 -5.77 13.08
C ILE A 359 -11.94 -5.69 14.45
N LEU A 360 -11.30 -5.03 15.41
CA LEU A 360 -11.91 -4.74 16.72
C LEU A 360 -13.25 -4.00 16.57
N SER A 361 -13.30 -3.00 15.69
CA SER A 361 -14.49 -2.21 15.45
C SER A 361 -15.61 -3.09 14.88
N HIS A 362 -15.26 -3.93 13.91
CA HIS A 362 -16.16 -4.94 13.39
C HIS A 362 -16.73 -5.79 14.52
N TYR A 363 -15.86 -6.25 15.42
CA TYR A 363 -16.28 -7.06 16.56
C TYR A 363 -17.30 -6.33 17.44
N ILE A 364 -16.95 -5.12 17.88
CA ILE A 364 -17.84 -4.29 18.70
C ILE A 364 -19.19 -4.05 18.00
N LEU A 365 -19.14 -3.81 16.70
CA LEU A 365 -20.34 -3.49 15.93
C LEU A 365 -20.94 -4.68 15.21
N ILE A 366 -20.64 -5.89 15.67
CA ILE A 366 -21.04 -7.10 14.94
C ILE A 366 -22.55 -7.32 14.82
N ASP A 367 -23.30 -7.03 15.87
CA ASP A 367 -24.77 -7.16 15.83
C ASP A 367 -25.40 -6.26 14.78
N GLU A 368 -24.76 -5.11 14.55
CA GLU A 368 -25.22 -4.13 13.57
C GLU A 368 -24.78 -4.46 12.14
N VAL A 369 -23.51 -4.80 11.94
CA VAL A 369 -22.98 -5.01 10.60
C VAL A 369 -22.98 -6.48 10.14
N GLY A 370 -23.11 -7.41 11.09
CA GLY A 370 -23.10 -8.84 10.77
C GLY A 370 -21.71 -9.48 10.76
N GLY A 371 -21.68 -10.75 10.39
CA GLY A 371 -20.44 -11.53 10.37
C GLY A 371 -20.38 -12.52 11.53
N ARG A 372 -19.46 -13.48 11.43
CA ARG A 372 -19.28 -14.51 12.45
C ARG A 372 -18.21 -14.09 13.45
N LYS A 373 -18.56 -14.11 14.74
CA LYS A 373 -17.65 -13.72 15.81
C LYS A 373 -16.35 -14.54 15.80
N GLU A 374 -16.45 -15.81 15.42
CA GLU A 374 -15.30 -16.72 15.39
C GLU A 374 -14.26 -16.26 14.38
N ILE A 375 -14.72 -15.96 13.16
CA ILE A 375 -13.86 -15.46 12.09
C ILE A 375 -13.18 -14.13 12.44
N VAL A 376 -13.93 -13.24 13.11
CA VAL A 376 -13.40 -11.93 13.48
C VAL A 376 -12.30 -12.05 14.53
N ILE A 377 -12.50 -12.94 15.50
CA ILE A 377 -11.48 -13.19 16.52
C ILE A 377 -10.25 -13.85 15.86
N PHE A 378 -10.51 -14.86 15.04
CA PHE A 378 -9.45 -15.52 14.26
C PHE A 378 -8.61 -14.50 13.47
N SER A 379 -9.27 -13.60 12.73
CA SER A 379 -8.58 -12.55 11.97
C SER A 379 -7.69 -11.68 12.86
N PHE A 380 -8.22 -11.25 14.00
CA PHE A 380 -7.50 -10.40 14.94
C PHE A 380 -6.22 -11.06 15.46
N ILE A 381 -6.32 -12.35 15.76
CA ILE A 381 -5.19 -13.13 16.30
C ILE A 381 -4.11 -13.31 15.23
N VAL A 382 -4.54 -13.65 14.02
CA VAL A 382 -3.64 -13.78 12.88
C VAL A 382 -2.83 -12.49 12.66
N VAL A 383 -3.52 -11.38 12.46
CA VAL A 383 -2.88 -10.08 12.18
C VAL A 383 -1.96 -9.63 13.32
N LEU A 384 -2.40 -9.82 14.56
CA LEU A 384 -1.58 -9.53 15.74
C LEU A 384 -0.31 -10.40 15.73
N GLY A 385 -0.48 -11.70 15.48
CA GLY A 385 0.65 -12.63 15.36
C GLY A 385 1.64 -12.20 14.30
N VAL A 386 1.11 -11.82 13.13
CA VAL A 386 1.92 -11.34 12.01
C VAL A 386 2.63 -10.02 12.36
N PHE A 387 1.93 -9.16 13.08
CA PHE A 387 2.50 -7.91 13.58
C PHE A 387 3.70 -8.18 14.49
N LEU A 388 3.51 -9.06 15.46
CA LEU A 388 4.58 -9.38 16.41
C LEU A 388 5.76 -10.11 15.74
N LEU A 389 5.45 -11.02 14.81
CA LEU A 389 6.48 -11.63 13.95
C LEU A 389 7.31 -10.59 13.21
N LEU A 390 6.64 -9.57 12.66
CA LEU A 390 7.33 -8.47 11.98
C LEU A 390 8.27 -7.72 12.92
N LEU A 391 7.77 -7.38 14.11
CA LEU A 391 8.57 -6.70 15.13
C LEU A 391 9.76 -7.54 15.62
N TYR A 392 9.51 -8.83 15.84
CA TYR A 392 10.56 -9.77 16.22
C TYR A 392 11.64 -9.82 15.13
N TYR A 393 11.21 -9.97 13.88
CA TYR A 393 12.13 -10.00 12.75
C TYR A 393 13.01 -8.75 12.70
N GLN A 394 12.42 -7.59 12.95
CA GLN A 394 13.17 -6.34 12.98
C GLN A 394 14.15 -6.30 14.15
N TRP A 395 13.71 -6.80 15.30
CA TRP A 395 14.55 -6.84 16.51
C TRP A 395 15.87 -7.59 16.27
N ILE A 396 15.79 -8.73 15.58
CA ILE A 396 16.96 -9.55 15.28
C ILE A 396 17.75 -9.12 14.03
N THR A 397 17.06 -8.52 13.06
CA THR A 397 17.67 -8.21 11.75
C THR A 397 18.20 -6.77 11.61
N ASN A 398 17.36 -5.78 11.93
CA ASN A 398 17.74 -4.37 11.83
C ASN A 398 17.01 -3.58 12.91
N ARG A 399 17.71 -3.33 14.01
CA ARG A 399 17.13 -2.77 15.22
C ARG A 399 16.81 -1.27 15.10
N PHE A 400 17.43 -0.62 14.11
CA PHE A 400 17.15 0.77 13.78
C PHE A 400 15.72 0.86 13.24
N VAL A 401 15.36 -0.10 12.37
CA VAL A 401 14.00 -0.19 11.84
C VAL A 401 13.01 -0.48 12.98
N PHE A 402 13.38 -1.40 13.87
CA PHE A 402 12.59 -1.73 15.05
C PHE A 402 12.22 -0.47 15.86
N TYR A 403 13.21 0.32 16.24
CA TYR A 403 12.96 1.54 17.01
C TYR A 403 12.22 2.58 16.18
N GLY A 404 12.50 2.61 14.87
CA GLY A 404 11.73 3.43 13.92
C GLY A 404 10.24 3.15 13.98
N ILE A 405 9.86 1.87 13.91
CA ILE A 405 8.46 1.46 14.02
C ILE A 405 7.83 1.92 15.34
N ILE A 406 8.51 1.64 16.47
CA ILE A 406 8.02 2.00 17.80
C ILE A 406 7.92 3.52 17.97
N ALA A 407 8.93 4.24 17.48
CA ALA A 407 8.94 5.71 17.52
C ALA A 407 7.76 6.31 16.74
N THR A 408 7.39 5.68 15.62
CA THR A 408 6.27 6.18 14.81
C THR A 408 4.98 6.12 15.62
N PHE A 409 4.67 4.95 16.17
CA PHE A 409 3.45 4.75 16.95
C PHE A 409 3.38 5.67 18.16
N ILE A 410 4.50 5.79 18.87
CA ILE A 410 4.57 6.64 20.05
C ILE A 410 4.51 8.13 19.67
N GLY A 411 5.24 8.50 18.63
CA GLY A 411 5.22 9.89 18.15
C GLY A 411 3.83 10.32 17.71
N VAL A 412 3.09 9.39 17.11
CA VAL A 412 1.72 9.63 16.66
C VAL A 412 0.76 9.83 17.82
N LEU A 413 0.88 8.99 18.86
CA LEU A 413 0.01 9.09 20.04
C LEU A 413 0.28 10.35 20.87
N ILE A 414 1.56 10.67 21.07
CA ILE A 414 1.94 11.90 21.78
C ILE A 414 1.46 13.15 21.02
N PHE A 415 1.67 13.17 19.71
CA PHE A 415 1.20 14.28 18.87
C PHE A 415 -0.31 14.47 19.02
N GLU A 416 -1.06 13.37 19.01
CA GLU A 416 -2.52 13.44 19.17
C GLU A 416 -2.95 14.13 20.46
N ILE A 417 -2.32 13.76 21.57
CA ILE A 417 -2.64 14.32 22.88
C ILE A 417 -2.37 15.83 22.89
N ILE A 418 -1.24 16.24 22.34
CA ILE A 418 -0.85 17.65 22.30
C ILE A 418 -1.72 18.44 21.32
N TYR A 419 -1.91 17.89 20.11
CA TYR A 419 -2.78 18.51 19.09
C TYR A 419 -4.21 18.72 19.60
N ARG A 420 -4.79 17.67 20.17
CA ARG A 420 -6.14 17.73 20.75
C ARG A 420 -6.26 18.81 21.84
N LYS A 421 -5.22 18.98 22.65
CA LYS A 421 -5.20 19.98 23.73
C LYS A 421 -5.03 21.41 23.22
N VAL A 422 -4.20 21.57 22.19
CA VAL A 422 -3.96 22.87 21.56
C VAL A 422 -5.18 23.32 20.73
N THR A 423 -5.68 22.44 19.86
CA THR A 423 -6.70 22.83 18.89
C THR A 423 -8.15 22.59 19.34
N LYS A 424 -8.33 21.72 20.34
CA LYS A 424 -9.65 21.22 20.76
C LYS A 424 -10.37 20.39 19.67
N ARG A 425 -9.62 19.89 18.69
CA ARG A 425 -10.19 19.17 17.54
C ARG A 425 -10.84 17.88 17.97
N THR A 426 -12.05 17.65 17.44
CA THR A 426 -12.90 16.54 17.83
C THR A 426 -13.49 15.82 16.60
N PHE A 427 -13.89 14.56 16.77
CA PHE A 427 -14.51 13.78 15.69
C PHE A 427 -15.96 13.48 16.05
N SER A 428 -16.86 13.58 15.08
CA SER A 428 -18.26 13.25 15.33
C SER A 428 -18.82 12.25 14.32
N ASN A 429 -20.02 11.76 14.61
CA ASN A 429 -20.71 10.81 13.76
C ASN A 429 -21.23 11.45 12.47
N ASN A 430 -21.01 12.75 12.33
CA ASN A 430 -21.33 13.46 11.10
C ASN A 430 -20.45 12.98 9.94
N MET A 431 -19.44 12.16 10.24
CA MET A 431 -18.58 11.56 9.23
C MET A 431 -19.36 10.55 8.39
N TYR A 432 -20.34 9.90 9.00
CA TYR A 432 -21.03 8.77 8.40
C TYR A 432 -22.53 8.76 8.66
N VAL A 433 -23.04 9.71 9.44
CA VAL A 433 -24.45 9.70 9.84
C VAL A 433 -25.43 9.68 8.67
N LYS A 434 -25.13 10.41 7.60
CA LYS A 434 -26.00 10.46 6.43
C LYS A 434 -26.14 9.10 5.71
N SER A 435 -25.14 8.24 5.88
CA SER A 435 -25.15 6.91 5.27
C SER A 435 -25.91 5.92 6.15
#